data_5R5P
#
_entry.id   5R5P
#
_cell.length_a   49.410
_cell.length_b   52.260
_cell.length_c   101.600
_cell.angle_alpha   90.000
_cell.angle_beta   90.000
_cell.angle_gamma   90.000
#
_symmetry.space_group_name_H-M   'P 21 21 21'
#
loop_
_entity.id
_entity.type
_entity.pdbx_description
1 polymer 'Uridine diphosphate glucose pyrophosphatase NUDT22'
2 non-polymer ~{N}-[(4-fluorophenyl)methyl]-4-methoxy-aniline
3 non-polymer 'DIMETHYL SULFOXIDE'
4 water water
#
_entity_poly.entity_id   1
_entity_poly.type   'polypeptide(L)'
_entity_poly.pdbx_seq_one_letter_code
;SMDPEVTLLLQCPGGGLPQEQIQAELSPAHDRRPLPGGDEAITAIWETRLKAQPWLFDAPKFRLHSATLAPIGSRGPQLL
LRLGLTSYRDFLGTNWSSSAAWLRQQGATDWGDTQAYLADPLGVGAALATADDFLVFLRRSRQVAEAPGLVDVPGGHPEP
QALCPGGSPQHQDLAGQLVVHELFSSVLQEICDEVNLPLLTLSQPLLLGIARNETSAGRASAEFYVQCSLTSEQVRKHYL
SGGPEAHESTGIFFVETQNVRRLPETEMWAELCPSAKGAIILYNRVQGSPTGAALGSPALLPPL
;
_entity_poly.pdbx_strand_id   A
#
loop_
_chem_comp.id
_chem_comp.type
_chem_comp.name
_chem_comp.formula
DMS non-polymer 'DIMETHYL SULFOXIDE' 'C2 H6 O S'
S2Y non-polymer ~{N}-[(4-fluorophenyl)methyl]-4-methoxy-aniline 'C14 H14 F N O'
#
# COMPACT_ATOMS: atom_id res chain seq x y z
N ASP A 3 3.76 16.02 -7.17
N ASP A 3 4.62 15.41 -6.95
CA ASP A 3 2.77 15.16 -6.46
CA ASP A 3 3.19 15.29 -6.51
C ASP A 3 3.01 15.25 -4.96
C ASP A 3 3.13 15.30 -4.98
N PRO A 4 2.65 16.39 -4.33
CA PRO A 4 2.85 16.53 -2.90
C PRO A 4 2.04 15.55 -2.07
N GLU A 5 1.05 14.83 -2.61
CA GLU A 5 0.28 13.97 -1.69
C GLU A 5 0.95 12.59 -1.54
N VAL A 6 2.03 12.31 -2.27
CA VAL A 6 2.78 11.02 -2.14
C VAL A 6 4.30 11.24 -2.06
N THR A 7 4.95 10.60 -1.08
CA THR A 7 6.43 10.60 -0.88
C THR A 7 6.95 9.15 -0.90
N LEU A 8 8.08 8.89 -1.55
CA LEU A 8 8.66 7.52 -1.57
C LEU A 8 9.54 7.35 -0.34
N LEU A 9 9.28 6.35 0.49
CA LEU A 9 10.12 6.02 1.66
C LEU A 9 11.21 5.00 1.26
N LEU A 10 10.91 4.12 0.31
CA LEU A 10 11.82 3.02 -0.12
C LEU A 10 11.56 2.73 -1.60
N GLN A 11 12.64 2.63 -2.40
CA GLN A 11 12.65 2.06 -3.77
C GLN A 11 13.51 0.78 -3.72
N CYS A 12 12.94 -0.37 -4.02
CA CYS A 12 13.69 -1.66 -3.94
C CYS A 12 14.62 -1.80 -5.14
N PRO A 13 15.75 -2.48 -4.94
CA PRO A 13 16.65 -2.82 -6.04
C PRO A 13 16.29 -4.11 -6.78
N GLY A 14 16.99 -4.35 -7.88
CA GLY A 14 16.91 -5.60 -8.63
C GLY A 14 15.59 -5.87 -9.32
N GLY A 15 14.77 -4.83 -9.55
CA GLY A 15 13.42 -4.97 -10.13
C GLY A 15 12.39 -5.35 -9.07
N GLY A 16 12.78 -5.44 -7.80
CA GLY A 16 11.89 -5.73 -6.67
C GLY A 16 12.34 -6.92 -5.86
N LEU A 17 12.02 -6.95 -4.58
CA LEU A 17 12.52 -8.02 -3.66
C LEU A 17 11.52 -9.14 -3.45
N PRO A 18 11.97 -10.42 -3.56
CA PRO A 18 11.12 -11.54 -3.16
C PRO A 18 11.06 -11.68 -1.63
N GLN A 19 10.07 -12.45 -1.16
CA GLN A 19 9.83 -12.73 0.26
C GLN A 19 11.12 -13.20 0.97
N GLU A 20 11.91 -14.06 0.31
CA GLU A 20 13.04 -14.77 0.98
C GLU A 20 14.17 -13.77 1.28
N GLN A 21 14.11 -12.54 0.76
CA GLN A 21 15.20 -11.53 0.93
C GLN A 21 14.83 -10.48 1.96
N ILE A 22 13.72 -10.64 2.68
CA ILE A 22 13.24 -9.58 3.60
C ILE A 22 13.17 -10.17 5.02
N GLN A 23 13.70 -9.41 5.97
CA GLN A 23 13.63 -9.65 7.44
C GLN A 23 12.65 -8.65 8.06
N ALA A 24 11.88 -9.06 9.08
CA ALA A 24 11.13 -8.09 9.90
C ALA A 24 11.58 -8.20 11.36
N GLU A 25 11.54 -7.07 12.05
CA GLU A 25 11.73 -6.96 13.50
C GLU A 25 10.41 -6.38 14.02
N LEU A 26 9.59 -7.21 14.68
CA LEU A 26 8.28 -6.80 15.28
C LEU A 26 8.54 -6.59 16.77
N SER A 27 8.49 -5.33 17.24
CA SER A 27 8.98 -4.90 18.59
C SER A 27 8.10 -3.80 19.16
N PRO A 28 7.73 -3.84 20.47
CA PRO A 28 6.98 -2.74 21.08
C PRO A 28 7.78 -1.41 21.08
N ALA A 29 9.10 -1.44 20.85
CA ALA A 29 9.92 -0.22 20.61
C ALA A 29 9.45 0.53 19.33
N HIS A 30 8.71 -0.16 18.45
CA HIS A 30 8.29 0.36 17.13
C HIS A 30 6.84 0.86 17.21
N ASP A 31 6.26 0.86 18.39
CA ASP A 31 4.83 1.27 18.59
C ASP A 31 4.71 2.79 18.56
N ARG A 32 3.49 3.29 18.35
CA ARG A 32 3.14 4.71 18.63
C ARG A 32 3.45 5.05 20.11
N ARG A 33 3.88 6.27 20.35
CA ARG A 33 4.07 6.78 21.74
C ARG A 33 2.71 7.21 22.27
N PRO A 34 2.44 7.05 23.58
CA PRO A 34 1.20 7.60 24.16
C PRO A 34 1.10 9.11 23.90
N LEU A 35 -0.11 9.64 23.69
CA LEU A 35 -0.34 11.07 23.36
C LEU A 35 0.07 11.92 24.56
N PRO A 36 0.57 13.16 24.34
CA PRO A 36 1.03 14.02 25.44
C PRO A 36 0.04 14.23 26.61
N GLY A 37 -1.24 14.42 26.29
CA GLY A 37 -2.31 14.65 27.29
C GLY A 37 -3.05 13.37 27.61
N GLY A 38 -2.58 12.26 27.05
CA GLY A 38 -3.05 10.90 27.38
C GLY A 38 -3.88 10.32 26.23
N ASP A 39 -3.94 8.99 26.14
CA ASP A 39 -4.70 8.26 25.06
C ASP A 39 -6.21 8.36 25.32
N GLU A 40 -6.68 9.00 26.40
CA GLU A 40 -8.12 9.30 26.59
C GLU A 40 -8.74 10.05 25.41
N ALA A 41 -8.01 10.90 24.68
CA ALA A 41 -8.55 11.61 23.51
C ALA A 41 -8.93 10.59 22.41
N ILE A 42 -8.19 9.49 22.28
CA ILE A 42 -8.49 8.44 21.25
C ILE A 42 -9.76 7.70 21.67
N THR A 43 -9.82 7.27 22.91
CA THR A 43 -11.00 6.62 23.53
C THR A 43 -12.25 7.47 23.33
N ALA A 44 -12.19 8.80 23.55
CA ALA A 44 -13.37 9.69 23.40
C ALA A 44 -13.88 9.70 21.94
N ILE A 45 -13.00 9.82 20.95
CA ILE A 45 -13.38 9.85 19.51
C ILE A 45 -14.06 8.50 19.17
N TRP A 46 -13.53 7.40 19.71
CA TRP A 46 -14.03 6.02 19.43
C TRP A 46 -15.45 5.88 20.00
N GLU A 47 -15.64 6.31 21.25
CA GLU A 47 -16.97 6.29 21.93
C GLU A 47 -17.98 7.07 21.13
N THR A 48 -17.64 8.30 20.69
CA THR A 48 -18.54 9.13 19.87
C THR A 48 -18.95 8.34 18.63
N ARG A 49 -17.97 7.69 17.97
CA ARG A 49 -18.15 6.95 16.69
C ARG A 49 -19.12 5.78 16.94
N LEU A 50 -18.80 4.93 17.94
CA LEU A 50 -19.62 3.71 18.24
C LEU A 50 -21.03 4.09 18.67
N LYS A 51 -21.23 5.25 19.27
CA LYS A 51 -22.58 5.66 19.72
C LYS A 51 -23.44 6.13 18.53
N ALA A 52 -22.85 6.29 17.34
CA ALA A 52 -23.57 6.58 16.07
C ALA A 52 -23.62 5.34 15.17
N GLN A 53 -22.56 4.54 15.18
CA GLN A 53 -22.41 3.34 14.30
C GLN A 53 -21.98 2.17 15.17
N PRO A 54 -22.92 1.59 15.98
CA PRO A 54 -22.57 0.55 16.97
C PRO A 54 -22.15 -0.80 16.38
N TRP A 55 -22.31 -0.99 15.06
CA TRP A 55 -21.90 -2.21 14.30
C TRP A 55 -20.41 -2.16 13.92
N LEU A 56 -19.72 -1.04 14.10
CA LEU A 56 -18.26 -0.98 13.82
C LEU A 56 -17.48 -1.84 14.82
N PHE A 57 -16.35 -2.38 14.41
CA PHE A 57 -15.46 -3.17 15.29
C PHE A 57 -14.03 -2.70 15.08
N ASP A 58 -13.25 -2.79 16.15
CA ASP A 58 -11.78 -2.55 16.14
C ASP A 58 -11.10 -3.78 15.50
N ALA A 59 -9.86 -3.61 15.07
CA ALA A 59 -9.02 -4.70 14.52
C ALA A 59 -7.57 -4.28 14.68
N PRO A 60 -6.67 -5.23 15.00
CA PRO A 60 -5.23 -4.92 15.06
C PRO A 60 -4.71 -4.69 13.63
N LYS A 61 -3.62 -3.92 13.56
CA LYS A 61 -2.91 -3.62 12.31
C LYS A 61 -1.40 -3.61 12.59
N PHE A 62 -0.59 -3.79 11.55
CA PHE A 62 0.87 -3.56 11.65
C PHE A 62 1.11 -2.05 11.56
N ARG A 63 2.08 -1.58 12.34
CA ARG A 63 2.59 -0.19 12.28
C ARG A 63 3.97 -0.21 11.60
N LEU A 64 4.18 0.63 10.58
CA LEU A 64 5.54 0.85 10.02
C LEU A 64 6.31 1.86 10.87
N HIS A 65 7.44 1.48 11.44
CA HIS A 65 8.40 2.42 12.08
C HIS A 65 9.41 2.91 11.02
N SER A 66 10.05 2.00 10.30
CA SER A 66 11.16 2.35 9.38
C SER A 66 11.53 1.12 8.55
N ALA A 67 12.28 1.31 7.47
CA ALA A 67 12.72 0.21 6.59
C ALA A 67 14.13 0.53 6.12
N THR A 68 15.12 -0.33 6.40
CA THR A 68 16.53 -0.08 6.02
C THR A 68 16.98 -1.10 4.98
N LEU A 69 17.39 -0.60 3.82
CA LEU A 69 17.95 -1.43 2.72
C LEU A 69 19.45 -1.70 2.96
N ALA A 70 19.87 -2.95 2.69
CA ALA A 70 21.29 -3.36 2.69
C ALA A 70 22.06 -2.54 1.63
N PRO A 71 23.40 -2.52 1.71
CA PRO A 71 24.22 -1.97 0.62
C PRO A 71 23.87 -2.71 -0.69
N ILE A 72 23.64 -1.96 -1.78
CA ILE A 72 23.25 -2.59 -3.09
C ILE A 72 24.33 -3.58 -3.55
N GLY A 73 23.86 -4.66 -4.17
CA GLY A 73 24.70 -5.71 -4.77
C GLY A 73 25.23 -6.72 -3.77
N SER A 74 24.79 -6.65 -2.51
CA SER A 74 25.29 -7.48 -1.38
C SER A 74 24.59 -8.86 -1.40
N ARG A 75 25.22 -9.83 -0.74
CA ARG A 75 24.67 -11.18 -0.45
C ARG A 75 23.85 -11.08 0.85
N GLY A 76 22.96 -12.05 1.06
CA GLY A 76 22.21 -12.14 2.31
C GLY A 76 20.97 -11.27 2.26
N PRO A 77 20.24 -11.14 3.39
CA PRO A 77 19.00 -10.37 3.45
C PRO A 77 19.21 -8.93 2.97
N GLN A 78 18.23 -8.42 2.22
CA GLN A 78 18.40 -7.12 1.53
C GLN A 78 17.59 -6.01 2.22
N LEU A 79 16.58 -6.35 3.02
CA LEU A 79 15.76 -5.31 3.66
C LEU A 79 15.43 -5.72 5.09
N LEU A 80 15.43 -4.77 6.00
CA LEU A 80 14.92 -4.94 7.39
C LEU A 80 13.71 -3.99 7.57
N LEU A 81 12.54 -4.57 7.81
CA LEU A 81 11.30 -3.84 8.13
C LEU A 81 11.18 -3.80 9.65
N ARG A 82 11.18 -2.61 10.21
CA ARG A 82 10.91 -2.39 11.65
C ARG A 82 9.42 -2.08 11.84
N LEU A 83 8.71 -3.01 12.50
CA LEU A 83 7.23 -3.00 12.63
C LEU A 83 6.83 -2.99 14.12
N GLY A 84 5.76 -2.27 14.41
CA GLY A 84 5.05 -2.32 15.70
C GLY A 84 3.62 -2.78 15.48
N LEU A 85 2.78 -2.62 16.50
CA LEU A 85 1.35 -2.96 16.40
C LEU A 85 0.55 -1.69 16.66
N THR A 86 -0.57 -1.58 15.97
CA THR A 86 -1.56 -0.49 16.11
C THR A 86 -2.96 -1.07 15.90
N SER A 87 -3.94 -0.22 15.60
CA SER A 87 -5.35 -0.64 15.49
C SER A 87 -6.12 0.35 14.66
N TYR A 88 -7.27 -0.07 14.14
CA TYR A 88 -8.24 0.81 13.45
C TYR A 88 -8.67 1.95 14.39
N ARG A 89 -8.94 1.64 15.65
CA ARG A 89 -9.34 2.67 16.67
C ARG A 89 -8.25 3.75 16.79
N ASP A 90 -6.99 3.31 16.87
CA ASP A 90 -5.90 4.28 17.06
C ASP A 90 -5.73 5.14 15.79
N PHE A 91 -5.93 4.54 14.61
CA PHE A 91 -5.95 5.26 13.32
C PHE A 91 -7.04 6.36 13.32
N LEU A 92 -8.25 6.03 13.79
CA LEU A 92 -9.38 7.01 13.77
C LEU A 92 -9.08 8.19 14.71
N GLY A 93 -8.37 7.94 15.78
CA GLY A 93 -8.05 8.98 16.78
C GLY A 93 -6.75 9.75 16.51
N THR A 94 -5.96 9.40 15.47
CA THR A 94 -4.67 10.07 15.19
C THR A 94 -4.63 10.50 13.73
N ASN A 95 -4.21 9.65 12.80
CA ASN A 95 -4.11 10.00 11.35
C ASN A 95 -5.39 10.64 10.77
N TRP A 96 -6.56 10.11 11.14
CA TRP A 96 -7.89 10.53 10.60
C TRP A 96 -8.38 11.80 11.31
N SER A 97 -7.85 12.10 12.50
CA SER A 97 -8.29 13.27 13.34
C SER A 97 -8.05 14.60 12.61
N SER A 98 -8.93 15.57 12.87
CA SER A 98 -8.78 16.93 12.31
C SER A 98 -7.47 17.55 12.81
N SER A 99 -6.97 17.09 13.97
N SER A 99 -6.98 17.14 13.99
CA SER A 99 -5.78 17.63 14.67
CA SER A 99 -5.75 17.72 14.60
C SER A 99 -4.48 16.95 14.22
C SER A 99 -4.48 16.92 14.26
N ALA A 100 -4.55 16.01 13.25
CA ALA A 100 -3.37 15.17 12.90
C ALA A 100 -2.09 16.04 12.68
N ALA A 101 -2.20 17.21 12.05
CA ALA A 101 -1.01 18.06 11.79
C ALA A 101 -0.43 18.54 13.13
N TRP A 102 -1.27 18.85 14.13
CA TRP A 102 -0.78 19.24 15.48
C TRP A 102 0.01 18.09 16.13
N LEU A 103 -0.46 16.85 15.97
CA LEU A 103 0.23 15.63 16.47
C LEU A 103 1.61 15.48 15.80
N ARG A 104 1.73 15.75 14.50
CA ARG A 104 3.00 15.66 13.74
C ARG A 104 3.98 16.73 14.28
N GLN A 105 3.50 17.95 14.52
CA GLN A 105 4.38 19.04 15.05
C GLN A 105 4.89 18.69 16.46
N GLN A 106 4.01 18.14 17.31
N GLN A 106 4.01 18.14 17.31
CA GLN A 106 4.32 17.73 18.70
CA GLN A 106 4.34 17.75 18.71
C GLN A 106 5.33 16.58 18.69
C GLN A 106 5.32 16.57 18.71
N GLY A 107 5.19 15.65 17.74
CA GLY A 107 6.14 14.52 17.60
C GLY A 107 7.55 15.00 17.22
N ALA A 108 7.65 15.95 16.30
CA ALA A 108 8.92 16.65 15.96
C ALA A 108 9.54 17.27 17.23
N THR A 109 8.73 18.02 17.98
CA THR A 109 9.20 18.72 19.22
C THR A 109 9.73 17.72 20.25
N ASP A 110 8.89 16.74 20.65
CA ASP A 110 9.14 15.83 21.78
C ASP A 110 10.14 14.72 21.43
N TRP A 111 10.11 14.17 20.21
CA TRP A 111 10.80 12.90 19.85
C TRP A 111 11.73 13.05 18.64
N GLY A 112 11.81 14.24 18.00
CA GLY A 112 12.44 14.40 16.67
C GLY A 112 11.89 13.44 15.62
N ASP A 113 10.57 13.20 15.65
CA ASP A 113 9.90 12.17 14.81
C ASP A 113 8.46 12.62 14.54
N THR A 114 8.21 13.13 13.32
CA THR A 114 6.85 13.66 12.96
C THR A 114 5.78 12.55 13.17
N GLN A 115 6.17 11.28 13.09
CA GLN A 115 5.18 10.17 13.16
C GLN A 115 5.01 9.61 14.60
N ALA A 116 5.70 10.13 15.62
CA ALA A 116 5.81 9.46 16.94
C ALA A 116 4.42 9.25 17.57
N TYR A 117 3.48 10.18 17.35
CA TYR A 117 2.13 10.16 17.96
C TYR A 117 1.07 9.69 16.95
N LEU A 118 1.48 9.16 15.79
CA LEU A 118 0.52 8.63 14.76
C LEU A 118 0.46 7.09 14.75
N ALA A 119 -0.75 6.53 14.60
CA ALA A 119 -0.97 5.07 14.46
C ALA A 119 -0.17 4.50 13.29
N ASP A 120 -0.27 5.12 12.12
CA ASP A 120 0.49 4.77 10.89
C ASP A 120 0.32 3.29 10.54
N PRO A 121 -0.92 2.79 10.41
CA PRO A 121 -1.13 1.38 9.97
C PRO A 121 -0.52 1.15 8.59
N LEU A 122 0.11 -0.02 8.39
CA LEU A 122 0.78 -0.41 7.13
C LEU A 122 -0.28 -0.93 6.16
N GLY A 123 -0.42 -0.27 5.00
CA GLY A 123 -1.22 -0.79 3.88
C GLY A 123 -0.42 -1.70 2.96
N VAL A 124 -1.11 -2.45 2.12
CA VAL A 124 -0.49 -3.14 0.94
C VAL A 124 -1.28 -2.79 -0.33
N GLY A 125 -0.57 -2.67 -1.45
CA GLY A 125 -1.21 -2.45 -2.78
C GLY A 125 -0.46 -3.18 -3.84
N ALA A 126 -1.08 -3.44 -4.98
CA ALA A 126 -0.44 -4.16 -6.09
C ALA A 126 -0.60 -3.40 -7.42
N ALA A 127 0.51 -3.32 -8.15
CA ALA A 127 0.54 -3.21 -9.62
C ALA A 127 0.32 -4.64 -10.13
N LEU A 128 -0.92 -4.92 -10.54
CA LEU A 128 -1.32 -6.26 -11.00
C LEU A 128 -1.34 -6.22 -12.53
N ALA A 129 -0.49 -7.01 -13.19
CA ALA A 129 -0.33 -7.03 -14.67
C ALA A 129 -1.08 -8.25 -15.21
N THR A 130 -1.73 -8.11 -16.36
CA THR A 130 -2.37 -9.25 -17.08
C THR A 130 -1.40 -9.92 -18.06
N ALA A 131 -1.80 -11.08 -18.60
CA ALA A 131 -0.97 -11.85 -19.55
C ALA A 131 -0.78 -11.05 -20.85
N ASP A 132 -1.73 -10.16 -21.20
CA ASP A 132 -1.72 -9.30 -22.42
C ASP A 132 -1.21 -7.87 -22.13
N ASP A 133 -0.50 -7.70 -21.02
N ASP A 133 -0.52 -7.67 -21.01
CA ASP A 133 0.30 -6.49 -20.68
CA ASP A 133 0.30 -6.46 -20.75
C ASP A 133 -0.64 -5.29 -20.50
C ASP A 133 -0.58 -5.25 -20.43
N PHE A 134 -1.55 -5.40 -19.51
CA PHE A 134 -2.32 -4.25 -18.95
C PHE A 134 -2.09 -4.25 -17.43
N LEU A 135 -2.17 -3.09 -16.78
CA LEU A 135 -2.38 -3.02 -15.30
C LEU A 135 -3.87 -2.88 -14.97
N VAL A 136 -4.26 -3.37 -13.78
CA VAL A 136 -5.67 -3.46 -13.30
C VAL A 136 -5.99 -2.28 -12.37
N PHE A 137 -7.06 -1.51 -12.65
CA PHE A 137 -7.55 -0.40 -11.81
C PHE A 137 -9.01 -0.67 -11.35
N LEU A 138 -9.37 -0.08 -10.21
CA LEU A 138 -10.70 -0.26 -9.56
C LEU A 138 -11.27 1.13 -9.26
N ARG A 139 -12.57 1.32 -9.46
CA ARG A 139 -13.26 2.59 -9.08
C ARG A 139 -13.85 2.46 -7.67
N ARG A 140 -13.54 3.41 -6.79
CA ARG A 140 -14.07 3.41 -5.40
C ARG A 140 -15.51 3.93 -5.41
N SER A 141 -16.37 3.36 -4.57
CA SER A 141 -17.74 3.89 -4.30
C SER A 141 -17.66 5.37 -3.94
N ARG A 142 -18.67 6.16 -4.30
CA ARG A 142 -18.77 7.60 -3.96
C ARG A 142 -19.33 7.75 -2.54
N GLN A 143 -19.62 6.63 -1.85
CA GLN A 143 -20.29 6.61 -0.52
C GLN A 143 -19.35 6.14 0.61
N VAL A 144 -18.05 5.89 0.33
CA VAL A 144 -17.08 5.45 1.38
C VAL A 144 -16.47 6.70 2.03
N ALA A 145 -15.80 6.54 3.15
CA ALA A 145 -15.27 7.65 3.97
C ALA A 145 -14.00 8.26 3.36
N GLU A 146 -13.08 7.41 2.88
CA GLU A 146 -11.76 7.86 2.35
C GLU A 146 -11.75 7.77 0.82
N ALA A 147 -11.29 8.84 0.18
CA ALA A 147 -11.07 8.93 -1.28
C ALA A 147 -12.32 8.49 -2.05
N PRO A 148 -13.54 8.97 -1.68
CA PRO A 148 -14.73 8.57 -2.42
C PRO A 148 -14.66 8.95 -3.90
N GLY A 149 -15.06 8.00 -4.72
CA GLY A 149 -15.18 8.19 -6.17
C GLY A 149 -13.83 8.17 -6.87
N LEU A 150 -12.73 7.90 -6.16
CA LEU A 150 -11.38 7.93 -6.81
C LEU A 150 -11.01 6.56 -7.39
N VAL A 151 -10.02 6.55 -8.27
CA VAL A 151 -9.43 5.29 -8.82
C VAL A 151 -8.43 4.70 -7.80
N ASP A 152 -8.48 3.39 -7.60
CA ASP A 152 -7.54 2.66 -6.70
C ASP A 152 -6.88 1.49 -7.45
N VAL A 153 -5.92 0.83 -6.80
CA VAL A 153 -5.43 -0.52 -7.23
C VAL A 153 -5.85 -1.53 -6.17
N PRO A 154 -5.77 -2.85 -6.46
CA PRO A 154 -6.10 -3.84 -5.44
C PRO A 154 -5.23 -3.70 -4.18
N GLY A 155 -5.82 -3.88 -3.00
CA GLY A 155 -5.02 -3.84 -1.76
C GLY A 155 -5.87 -3.73 -0.52
N GLY A 156 -5.25 -3.50 0.63
CA GLY A 156 -5.97 -3.47 1.92
C GLY A 156 -5.03 -3.17 3.06
N HIS A 157 -5.46 -3.40 4.30
CA HIS A 157 -4.65 -3.07 5.52
C HIS A 157 -4.61 -4.34 6.34
N PRO A 158 -3.55 -5.17 6.23
CA PRO A 158 -3.56 -6.51 6.81
C PRO A 158 -3.67 -6.50 8.34
N GLU A 159 -4.37 -7.50 8.87
CA GLU A 159 -4.57 -7.75 10.31
C GLU A 159 -3.62 -8.87 10.73
N PRO A 160 -2.72 -8.63 11.71
CA PRO A 160 -1.90 -9.66 12.34
C PRO A 160 -2.66 -10.95 12.75
N GLN A 161 -2.01 -12.12 12.57
CA GLN A 161 -2.51 -13.51 12.79
C GLN A 161 -4.04 -13.59 12.68
N ASP A 173 14.63 -12.83 13.40
CA ASP A 173 13.68 -13.10 12.29
C ASP A 173 12.81 -14.31 12.66
N LEU A 174 12.65 -14.64 13.95
CA LEU A 174 12.05 -15.95 14.31
C LEU A 174 10.55 -15.85 14.58
N ALA A 175 9.99 -14.68 14.89
CA ALA A 175 8.56 -14.40 14.57
C ALA A 175 8.48 -13.50 13.31
N GLY A 176 9.60 -12.80 12.98
CA GLY A 176 9.86 -11.96 11.79
C GLY A 176 9.47 -12.61 10.46
N GLN A 177 9.88 -13.86 10.24
CA GLN A 177 9.64 -14.54 8.93
C GLN A 177 8.15 -14.86 8.78
N LEU A 178 7.45 -15.13 9.87
CA LEU A 178 5.98 -15.36 9.78
C LEU A 178 5.30 -14.03 9.43
N VAL A 179 5.80 -12.93 9.96
CA VAL A 179 5.22 -11.59 9.63
C VAL A 179 5.43 -11.28 8.14
N VAL A 180 6.64 -11.47 7.62
CA VAL A 180 6.90 -11.20 6.17
C VAL A 180 5.95 -12.09 5.36
N HIS A 181 5.85 -13.37 5.71
CA HIS A 181 4.89 -14.30 5.05
C HIS A 181 3.45 -13.74 5.04
N GLU A 182 2.95 -13.23 6.17
N GLU A 182 2.99 -13.22 6.19
CA GLU A 182 1.56 -12.69 6.24
CA GLU A 182 1.63 -12.65 6.34
C GLU A 182 1.45 -11.45 5.33
C GLU A 182 1.47 -11.46 5.37
N LEU A 183 2.50 -10.62 5.24
CA LEU A 183 2.42 -9.41 4.35
C LEU A 183 2.29 -9.83 2.87
N PHE A 184 3.14 -10.74 2.40
CA PHE A 184 3.08 -11.25 1.00
C PHE A 184 1.75 -12.00 0.74
N SER A 185 1.32 -12.85 1.68
N SER A 185 1.29 -12.84 1.67
CA SER A 185 0.04 -13.60 1.60
CA SER A 185 0.03 -13.60 1.49
C SER A 185 -1.14 -12.62 1.46
C SER A 185 -1.19 -12.66 1.51
N SER A 186 -1.13 -11.55 2.26
CA SER A 186 -2.27 -10.61 2.35
C SER A 186 -2.47 -9.91 1.00
N VAL A 187 -1.42 -9.54 0.26
CA VAL A 187 -1.64 -8.83 -1.04
C VAL A 187 -2.32 -9.81 -2.05
N LEU A 188 -1.95 -11.10 -2.05
CA LEU A 188 -2.64 -12.12 -2.89
C LEU A 188 -4.09 -12.30 -2.43
N GLN A 189 -4.32 -12.41 -1.11
CA GLN A 189 -5.69 -12.62 -0.59
C GLN A 189 -6.55 -11.40 -0.99
N GLU A 190 -6.02 -10.17 -0.93
CA GLU A 190 -6.80 -8.94 -1.27
C GLU A 190 -7.15 -8.98 -2.76
N ILE A 191 -6.26 -9.52 -3.61
CA ILE A 191 -6.57 -9.66 -5.07
C ILE A 191 -7.67 -10.71 -5.24
N CYS A 192 -7.53 -11.88 -4.63
CA CYS A 192 -8.58 -12.96 -4.71
C CYS A 192 -9.92 -12.45 -4.17
N ASP A 193 -9.94 -11.73 -3.05
CA ASP A 193 -11.24 -11.29 -2.44
C ASP A 193 -11.94 -10.23 -3.29
N GLU A 194 -11.22 -9.25 -3.83
CA GLU A 194 -11.84 -8.09 -4.53
C GLU A 194 -11.95 -8.33 -6.04
N VAL A 195 -10.94 -8.94 -6.69
CA VAL A 195 -10.96 -9.12 -8.17
C VAL A 195 -11.58 -10.49 -8.47
N ASN A 196 -11.71 -11.38 -7.49
CA ASN A 196 -12.35 -12.71 -7.66
C ASN A 196 -11.50 -13.61 -8.58
N LEU A 197 -10.17 -13.45 -8.57
CA LEU A 197 -9.23 -14.28 -9.35
C LEU A 197 -8.87 -15.53 -8.57
N PRO A 198 -8.71 -16.68 -9.26
CA PRO A 198 -8.18 -17.86 -8.60
C PRO A 198 -6.73 -17.63 -8.16
N LEU A 199 -6.36 -18.08 -6.97
CA LEU A 199 -4.98 -17.92 -6.41
C LEU A 199 -3.95 -18.50 -7.36
N LEU A 200 -4.26 -19.64 -8.03
CA LEU A 200 -3.29 -20.28 -8.94
C LEU A 200 -3.05 -19.51 -10.25
N THR A 201 -3.74 -18.41 -10.52
CA THR A 201 -3.43 -17.55 -11.69
C THR A 201 -2.44 -16.46 -11.30
N LEU A 202 -2.01 -16.39 -10.03
CA LEU A 202 -1.12 -15.27 -9.53
C LEU A 202 0.33 -15.74 -9.28
N SER A 203 1.31 -14.91 -9.65
CA SER A 203 2.75 -15.07 -9.35
C SER A 203 3.03 -14.79 -7.87
N GLN A 204 4.16 -15.28 -7.34
CA GLN A 204 4.62 -14.78 -6.01
C GLN A 204 4.91 -13.28 -6.17
N PRO A 205 4.44 -12.45 -5.22
CA PRO A 205 4.67 -11.02 -5.34
C PRO A 205 6.16 -10.63 -5.23
N LEU A 206 6.52 -9.47 -5.81
CA LEU A 206 7.80 -8.80 -5.54
C LEU A 206 7.50 -7.45 -4.87
N LEU A 207 8.23 -7.14 -3.81
CA LEU A 207 8.10 -5.81 -3.18
C LEU A 207 8.80 -4.75 -4.05
N LEU A 208 8.03 -3.76 -4.56
CA LEU A 208 8.64 -2.65 -5.35
C LEU A 208 9.20 -1.57 -4.43
N GLY A 209 8.53 -1.29 -3.31
CA GLY A 209 8.91 -0.15 -2.45
C GLY A 209 7.84 0.19 -1.44
N ILE A 210 7.99 1.33 -0.77
CA ILE A 210 7.02 1.80 0.25
C ILE A 210 6.74 3.26 -0.06
N ALA A 211 5.46 3.63 -0.11
CA ALA A 211 4.98 5.01 -0.37
C ALA A 211 4.20 5.53 0.84
N ARG A 212 4.35 6.83 1.12
CA ARG A 212 3.61 7.55 2.19
C ARG A 212 2.50 8.43 1.57
N ASN A 213 1.33 8.43 2.21
CA ASN A 213 0.11 9.22 1.88
C ASN A 213 0.13 10.46 2.77
N GLU A 214 0.59 11.57 2.22
CA GLU A 214 0.70 12.86 2.95
C GLU A 214 -0.70 13.44 3.19
N THR A 215 -1.74 13.01 2.48
CA THR A 215 -3.12 13.46 2.76
C THR A 215 -3.68 12.74 3.99
N SER A 216 -3.10 11.61 4.41
CA SER A 216 -3.52 10.88 5.62
C SER A 216 -2.40 10.91 6.68
N ALA A 217 -1.74 12.08 6.84
CA ALA A 217 -0.76 12.37 7.93
C ALA A 217 0.46 11.44 7.83
N GLY A 218 0.76 10.95 6.64
CA GLY A 218 2.04 10.27 6.39
C GLY A 218 2.01 8.75 6.55
N ARG A 219 0.84 8.12 6.69
CA ARG A 219 0.75 6.64 6.79
C ARG A 219 1.31 6.03 5.50
N ALA A 220 1.89 4.82 5.61
CA ALA A 220 2.64 4.17 4.51
C ALA A 220 1.92 2.93 3.95
N SER A 221 2.17 2.60 2.69
CA SER A 221 1.74 1.33 2.09
C SER A 221 2.94 0.66 1.42
N ALA A 222 3.09 -0.65 1.63
CA ALA A 222 4.00 -1.51 0.85
C ALA A 222 3.38 -1.78 -0.51
N GLU A 223 4.07 -1.46 -1.61
CA GLU A 223 3.57 -1.61 -2.99
C GLU A 223 4.28 -2.77 -3.68
N PHE A 224 3.50 -3.71 -4.23
CA PHE A 224 4.01 -5.00 -4.79
C PHE A 224 3.72 -5.07 -6.31
N TYR A 225 4.50 -5.87 -7.04
CA TYR A 225 4.22 -6.26 -8.44
C TYR A 225 3.71 -7.70 -8.42
N VAL A 226 2.56 -7.97 -9.04
CA VAL A 226 2.00 -9.33 -9.18
C VAL A 226 1.62 -9.52 -10.64
N GLN A 227 2.01 -10.65 -11.21
N GLN A 227 2.05 -10.63 -11.25
CA GLN A 227 1.64 -11.04 -12.59
CA GLN A 227 1.64 -11.01 -12.63
C GLN A 227 0.46 -12.01 -12.51
C GLN A 227 0.46 -11.99 -12.50
N CYS A 228 -0.49 -11.89 -13.45
CA CYS A 228 -1.61 -12.83 -13.60
C CYS A 228 -1.46 -13.56 -14.95
N SER A 229 -1.81 -14.84 -14.98
CA SER A 229 -1.72 -15.67 -16.21
C SER A 229 -2.97 -15.48 -17.08
N LEU A 230 -3.97 -14.76 -16.60
CA LEU A 230 -5.18 -14.43 -17.41
C LEU A 230 -5.02 -13.11 -18.17
N THR A 231 -5.72 -13.01 -19.31
CA THR A 231 -5.82 -11.77 -20.10
C THR A 231 -6.79 -10.78 -19.44
N SER A 232 -6.71 -9.52 -19.84
CA SER A 232 -7.64 -8.45 -19.38
C SER A 232 -9.11 -8.91 -19.53
N GLU A 233 -9.48 -9.52 -20.67
CA GLU A 233 -10.90 -9.93 -20.86
C GLU A 233 -11.28 -10.99 -19.80
N GLN A 234 -10.38 -11.95 -19.53
CA GLN A 234 -10.64 -13.04 -18.55
C GLN A 234 -10.69 -12.44 -17.13
N VAL A 235 -9.80 -11.49 -16.78
CA VAL A 235 -9.83 -10.82 -15.44
C VAL A 235 -11.19 -10.12 -15.24
N ARG A 236 -11.65 -9.41 -16.26
CA ARG A 236 -12.95 -8.67 -16.24
C ARG A 236 -14.08 -9.66 -15.98
N LYS A 237 -14.07 -10.79 -16.68
CA LYS A 237 -15.15 -11.81 -16.52
C LYS A 237 -15.17 -12.27 -15.06
N HIS A 238 -14.02 -12.62 -14.47
CA HIS A 238 -13.98 -13.14 -13.08
C HIS A 238 -14.53 -12.07 -12.11
N TYR A 239 -14.06 -10.83 -12.23
CA TYR A 239 -14.51 -9.69 -11.39
C TYR A 239 -16.04 -9.61 -11.47
N LEU A 240 -16.60 -9.57 -12.67
CA LEU A 240 -18.06 -9.27 -12.84
C LEU A 240 -18.92 -10.45 -12.37
N SER A 241 -18.42 -11.68 -12.47
CA SER A 241 -19.24 -12.91 -12.26
C SER A 241 -19.49 -13.15 -10.77
N GLY A 242 -18.82 -12.39 -9.89
CA GLY A 242 -19.16 -12.38 -8.45
C GLY A 242 -20.43 -11.60 -8.17
N GLY A 243 -20.80 -10.67 -9.06
CA GLY A 243 -21.98 -9.80 -8.85
C GLY A 243 -21.64 -8.65 -7.90
N PRO A 244 -22.55 -7.67 -7.72
CA PRO A 244 -22.25 -6.44 -6.99
C PRO A 244 -21.79 -6.65 -5.53
N GLU A 245 -22.24 -7.74 -4.88
CA GLU A 245 -21.93 -8.03 -3.45
C GLU A 245 -20.55 -8.69 -3.30
N ALA A 246 -19.91 -9.10 -4.39
CA ALA A 246 -18.61 -9.80 -4.32
C ALA A 246 -17.45 -8.80 -4.26
N HIS A 247 -17.69 -7.49 -4.45
CA HIS A 247 -16.60 -6.48 -4.44
C HIS A 247 -17.05 -5.16 -3.78
N GLU A 248 -16.11 -4.47 -3.11
CA GLU A 248 -16.36 -3.12 -2.51
C GLU A 248 -16.30 -2.05 -3.61
N SER A 249 -15.44 -2.21 -4.62
CA SER A 249 -15.35 -1.26 -5.76
C SER A 249 -16.64 -1.31 -6.62
N THR A 250 -16.84 -0.31 -7.49
CA THR A 250 -18.03 -0.16 -8.37
C THR A 250 -17.73 -0.44 -9.84
N GLY A 251 -16.46 -0.69 -10.18
CA GLY A 251 -16.05 -1.00 -11.55
C GLY A 251 -14.57 -1.38 -11.62
N ILE A 252 -14.19 -2.07 -12.70
CA ILE A 252 -12.78 -2.47 -13.04
C ILE A 252 -12.44 -1.89 -14.42
N PHE A 253 -11.19 -1.56 -14.65
CA PHE A 253 -10.71 -1.14 -15.99
C PHE A 253 -9.21 -1.36 -16.11
N PHE A 254 -8.66 -1.21 -17.32
CA PHE A 254 -7.31 -1.69 -17.69
C PHE A 254 -6.59 -0.59 -18.48
N VAL A 255 -5.29 -0.39 -18.21
CA VAL A 255 -4.43 0.55 -18.98
C VAL A 255 -3.21 -0.23 -19.49
N GLU A 256 -2.88 -0.14 -20.78
CA GLU A 256 -1.71 -0.85 -21.34
C GLU A 256 -0.46 -0.45 -20.54
N THR A 257 0.44 -1.40 -20.22
CA THR A 257 1.70 -1.05 -19.54
C THR A 257 2.45 0.00 -20.38
N GLN A 258 2.35 -0.04 -21.71
CA GLN A 258 2.94 0.99 -22.58
C GLN A 258 2.54 2.40 -22.12
N ASN A 259 1.28 2.58 -21.76
CA ASN A 259 0.66 3.90 -21.44
C ASN A 259 0.80 4.27 -19.97
N VAL A 260 1.09 3.30 -19.09
CA VAL A 260 1.32 3.62 -17.64
C VAL A 260 2.54 4.55 -17.50
N ARG A 261 3.55 4.39 -18.37
CA ARG A 261 4.74 5.26 -18.38
C ARG A 261 4.37 6.75 -18.28
N ARG A 262 3.39 7.24 -19.04
CA ARG A 262 3.05 8.70 -19.06
C ARG A 262 1.76 8.98 -18.27
N LEU A 263 1.29 8.05 -17.43
CA LEU A 263 0.02 8.28 -16.68
C LEU A 263 0.04 9.62 -15.91
N PRO A 264 1.16 10.07 -15.29
CA PRO A 264 1.12 11.34 -14.55
C PRO A 264 0.83 12.58 -15.41
N GLU A 265 0.88 12.43 -16.74
CA GLU A 265 0.58 13.54 -17.70
C GLU A 265 -0.88 13.47 -18.19
N THR A 266 -1.63 12.46 -17.79
CA THR A 266 -3.04 12.25 -18.23
C THR A 266 -4.06 12.85 -17.23
N GLU A 267 -5.31 13.02 -17.68
CA GLU A 267 -6.45 13.47 -16.82
C GLU A 267 -6.79 12.39 -15.77
N MET A 268 -6.37 11.13 -15.98
CA MET A 268 -6.62 10.04 -15.00
C MET A 268 -5.88 10.36 -13.69
N TRP A 269 -4.72 11.00 -13.78
CA TRP A 269 -3.81 11.18 -12.60
C TRP A 269 -4.55 11.92 -11.47
N ALA A 270 -5.33 12.94 -11.80
CA ALA A 270 -6.10 13.75 -10.82
C ALA A 270 -7.18 12.91 -10.12
N GLU A 271 -7.57 11.76 -10.68
CA GLU A 271 -8.59 10.87 -10.11
C GLU A 271 -7.97 9.73 -9.28
N LEU A 272 -6.66 9.53 -9.29
CA LEU A 272 -5.99 8.42 -8.54
C LEU A 272 -5.81 8.79 -7.07
N CYS A 273 -6.23 7.93 -6.16
CA CYS A 273 -5.93 8.10 -4.72
C CYS A 273 -4.43 7.95 -4.46
N PRO A 274 -3.91 8.61 -3.39
CA PRO A 274 -2.45 8.66 -3.15
C PRO A 274 -1.73 7.30 -3.13
N SER A 275 -2.32 6.26 -2.54
CA SER A 275 -1.65 4.95 -2.42
C SER A 275 -1.56 4.30 -3.81
N ALA A 276 -2.57 4.51 -4.67
CA ALA A 276 -2.51 4.02 -6.08
C ALA A 276 -1.44 4.80 -6.85
N LYS A 277 -1.34 6.12 -6.66
CA LYS A 277 -0.23 6.91 -7.26
C LYS A 277 1.12 6.33 -6.84
N GLY A 278 1.29 5.97 -5.56
CA GLY A 278 2.53 5.33 -5.07
C GLY A 278 2.86 4.05 -5.83
N ALA A 279 1.86 3.17 -5.99
CA ALA A 279 1.97 1.92 -6.75
C ALA A 279 2.47 2.18 -8.19
N ILE A 280 1.91 3.17 -8.86
CA ILE A 280 2.26 3.42 -10.28
C ILE A 280 3.62 4.10 -10.40
N ILE A 281 3.97 5.02 -9.53
CA ILE A 281 5.34 5.62 -9.51
C ILE A 281 6.37 4.51 -9.31
N LEU A 282 6.16 3.65 -8.31
CA LEU A 282 7.14 2.55 -8.03
C LEU A 282 7.19 1.55 -9.20
N TYR A 283 6.07 1.16 -9.80
CA TYR A 283 6.05 0.29 -11.00
C TYR A 283 6.91 0.92 -12.09
N ASN A 284 6.70 2.20 -12.37
CA ASN A 284 7.43 2.90 -13.47
C ASN A 284 8.94 2.94 -13.18
N ARG A 285 9.36 3.18 -11.92
CA ARG A 285 10.80 3.31 -11.53
C ARG A 285 11.51 1.96 -11.43
N VAL A 286 10.83 0.90 -10.96
CA VAL A 286 11.44 -0.37 -10.54
C VAL A 286 11.24 -1.44 -11.62
N GLN A 287 10.03 -1.57 -12.22
CA GLN A 287 9.79 -2.58 -13.28
C GLN A 287 9.97 -1.94 -14.66
N GLY A 288 9.41 -0.75 -14.89
CA GLY A 288 9.67 0.03 -16.11
C GLY A 288 11.11 0.52 -16.05
N SER A 289 11.44 1.62 -16.69
CA SER A 289 12.79 2.22 -16.73
C SER A 289 13.86 1.13 -16.92
N PRO A 290 14.12 0.68 -18.17
CA PRO A 290 15.13 -0.34 -18.42
C PRO A 290 16.55 0.20 -18.19
N THR A 291 17.52 -0.69 -17.92
CA THR A 291 18.92 -0.31 -17.61
C THR A 291 19.88 -0.79 -18.72
N GLY A 292 19.51 -1.78 -19.53
CA GLY A 292 20.43 -2.43 -20.49
C GLY A 292 20.30 -1.85 -21.90
N ALA A 293 21.17 -2.27 -22.82
CA ALA A 293 21.24 -1.74 -24.20
C ALA A 293 20.01 -2.12 -25.05
N ALA A 294 19.54 -3.37 -24.97
CA ALA A 294 18.38 -3.86 -25.76
C ALA A 294 17.12 -3.05 -25.45
N LEU A 295 16.63 -3.07 -24.18
CA LEU A 295 15.34 -2.41 -23.84
C LEU A 295 15.51 -0.89 -23.82
N GLY A 296 16.74 -0.38 -23.69
CA GLY A 296 17.06 1.06 -23.67
C GLY A 296 17.21 1.64 -25.07
N SER A 297 17.20 0.80 -26.11
CA SER A 297 17.31 1.25 -27.53
C SER A 297 16.11 2.13 -27.88
N PRO A 298 16.25 3.20 -28.72
CA PRO A 298 15.14 4.13 -28.98
C PRO A 298 13.82 3.55 -29.52
N ALA A 299 13.87 2.50 -30.35
CA ALA A 299 12.61 1.90 -30.86
C ALA A 299 11.83 1.21 -29.74
N LEU A 300 12.51 0.69 -28.70
CA LEU A 300 11.82 0.02 -27.54
C LEU A 300 11.57 1.02 -26.39
N LEU A 301 12.34 2.11 -26.29
CA LEU A 301 12.17 3.14 -25.23
C LEU A 301 12.03 4.47 -25.93
N PRO A 302 10.81 4.79 -26.39
CA PRO A 302 10.59 5.99 -27.19
C PRO A 302 11.04 7.25 -26.46
N PRO A 303 11.80 8.17 -27.09
CA PRO A 303 12.16 9.44 -26.45
C PRO A 303 10.95 10.32 -26.06
N LEU A 304 10.92 10.86 -24.83
CA LEU A 304 9.98 11.93 -24.40
C LEU A 304 8.83 11.39 -23.54
N1 S2Y B . -9.93 3.84 5.03
C4 S2Y B . -10.83 5.50 6.54
C5 S2Y B . -10.83 4.20 6.06
C6 S2Y B . -11.72 3.28 6.58
C7 S2Y B . -12.61 3.64 7.57
C8 S2Y B . -9.24 2.56 4.94
C10 S2Y B . -7.40 3.00 6.62
C13 S2Y B . -8.05 0.73 8.04
C1 S2Y B . -13.91 6.58 9.25
C11 S2Y B . -6.69 2.67 7.76
C12 S2Y B . -7.03 1.54 8.45
C14 S2Y B . -8.75 1.05 6.90
C2 S2Y B . -12.62 4.94 8.05
C3 S2Y B . -11.72 5.87 7.54
C9 S2Y B . -8.45 2.20 6.18
F1 S2Y B . -6.34 1.21 9.57
O1 S2Y B . -13.51 5.23 9.05
S DMS C . -21.67 4.52 -6.00
O DMS C . -22.21 3.72 -7.17
C1 DMS C . -20.44 5.54 -6.72
C2 DMS C . -22.88 5.78 -5.65
S DMS D . 0.51 -18.26 -5.39
O DMS D . 0.19 -19.39 -6.40
C1 DMS D . -0.76 -17.08 -5.66
C2 DMS D . 0.05 -18.87 -3.81
S DMS E . 12.74 17.57 23.59
O DMS E . 14.09 17.29 22.95
C1 DMS E . 12.22 16.05 24.30
C2 DMS E . 13.07 18.41 25.11
S DMS F . -4.33 1.08 -2.58
O DMS F . -4.76 1.88 -1.39
C1 DMS F . -2.55 0.90 -2.47
C2 DMS F . -4.77 -0.58 -2.20
#